data_9NZK
#
_entry.id   9NZK
#
_cell.length_a   91.532
_cell.length_b   91.532
_cell.length_c   118.824
_cell.angle_alpha   90.000
_cell.angle_beta   90.000
_cell.angle_gamma   120.000
#
_symmetry.space_group_name_H-M   'H 3'
#
loop_
_entity.id
_entity.type
_entity.pdbx_description
1 polymer 'non-specific serine/threonine protein kinase'
2 non-polymer 4-(3-PYRIDIN-2-YL-1H-PYRAZOL-4-YL)QUINOLINE
3 non-polymer 'CHLORIDE ION'
4 water water
#
_entity_poly.entity_id   1
_entity_poly.type   'polypeptide(L)'
_entity_poly.pdbx_seq_one_letter_code
;SSVVGLHYKIGKKIGEGSFGVIFEGTNIINGVPVAIKFEPRKTEAPQLRDEYRTYKHLQGCDGIPNAYYFGQEGLHNILV
IDLLGPSLEDLFDWCGRRFSVKTVVQVAIQMLTLVEEVHRHDLIYRDIKPDNFLIGRRGATDENNVHLIDFGMAKQYRDP
RTKQHIPYREKKSLSGTARYMSINTHLGREQSRRDDLEALGHVFFYFLRGQLPWQGLKAPTNKQKYEKIGDKKRTTPAVT
LCDGLPQQFAEYLDSVRSLPFDAEPPYEEYRMLLLSVLDDLGQACDGDMDWMHLNGGRGWDATINKKPN
;
_entity_poly.pdbx_strand_id   A
#
# COMPACT_ATOMS: atom_id res chain seq x y z
N SER A 1 -13.71 -22.13 -20.00
CA SER A 1 -14.44 -21.16 -20.81
C SER A 1 -13.83 -19.76 -20.72
N SER A 2 -14.22 -18.91 -21.69
CA SER A 2 -13.89 -17.48 -21.67
C SER A 2 -14.51 -16.75 -20.49
N VAL A 3 -15.36 -17.42 -19.70
CA VAL A 3 -16.10 -16.83 -18.60
C VAL A 3 -15.82 -17.63 -17.34
N VAL A 4 -15.50 -16.93 -16.24
CA VAL A 4 -15.16 -17.56 -14.98
C VAL A 4 -16.12 -17.04 -13.92
N GLY A 5 -16.31 -17.85 -12.88
CA GLY A 5 -17.23 -17.45 -11.82
C GLY A 5 -18.65 -17.17 -12.28
N LEU A 6 -19.08 -17.80 -13.37
CA LEU A 6 -20.42 -17.68 -13.94
C LEU A 6 -20.60 -16.37 -14.68
N HIS A 7 -20.10 -15.28 -14.11
CA HIS A 7 -20.48 -13.95 -14.56
C HIS A 7 -19.32 -13.09 -15.06
N TYR A 8 -18.10 -13.60 -15.15
CA TYR A 8 -16.98 -12.66 -15.40
C TYR A 8 -16.23 -13.08 -16.66
N LYS A 9 -16.31 -12.25 -17.71
CA LYS A 9 -15.62 -12.54 -18.95
C LYS A 9 -14.16 -12.11 -18.85
N ILE A 10 -13.24 -13.00 -19.19
CA ILE A 10 -11.81 -12.70 -19.05
C ILE A 10 -11.35 -11.84 -20.22
N GLY A 11 -10.60 -10.78 -19.92
CA GLY A 11 -9.93 -9.97 -20.91
C GLY A 11 -8.41 -10.09 -20.86
N LYS A 12 -7.70 -9.02 -21.23
CA LYS A 12 -6.25 -9.11 -21.34
C LYS A 12 -5.60 -9.15 -19.95
N LYS A 13 -4.36 -9.66 -19.91
CA LYS A 13 -3.61 -9.73 -18.67
C LYS A 13 -3.05 -8.37 -18.29
N ILE A 14 -3.31 -7.92 -17.06
CA ILE A 14 -2.96 -6.58 -16.60
C ILE A 14 -1.84 -6.56 -15.59
N GLY A 15 -1.40 -7.71 -15.12
CA GLY A 15 -0.42 -7.73 -14.07
C GLY A 15 -0.12 -9.16 -13.68
N GLU A 16 0.79 -9.30 -12.73
CA GLU A 16 1.09 -10.59 -12.11
C GLU A 16 1.09 -10.41 -10.60
N GLY A 17 0.33 -11.25 -9.91
CA GLY A 17 0.32 -11.28 -8.47
C GLY A 17 1.47 -12.12 -7.95
N SER A 18 1.35 -12.50 -6.68
CA SER A 18 2.39 -13.30 -6.05
C SER A 18 2.67 -14.58 -6.83
N PHE A 19 1.60 -15.29 -7.19
CA PHE A 19 1.72 -16.66 -7.66
C PHE A 19 1.16 -16.88 -9.06
N GLY A 20 -0.10 -16.50 -9.30
CA GLY A 20 -0.66 -16.46 -10.62
C GLY A 20 -0.73 -15.04 -11.15
N VAL A 21 -1.32 -14.89 -12.33
CA VAL A 21 -1.36 -13.61 -12.99
C VAL A 21 -2.74 -12.98 -12.79
N ILE A 22 -2.85 -11.71 -13.16
CA ILE A 22 -4.06 -10.92 -12.98
C ILE A 22 -4.52 -10.46 -14.34
N PHE A 23 -5.81 -10.62 -14.59
CA PHE A 23 -6.44 -10.24 -15.84
C PHE A 23 -7.46 -9.16 -15.54
N GLU A 24 -7.74 -8.32 -16.52
CA GLU A 24 -8.95 -7.53 -16.41
C GLU A 24 -10.11 -8.35 -16.97
N GLY A 25 -11.32 -7.84 -16.77
CA GLY A 25 -12.48 -8.65 -17.16
C GLY A 25 -13.73 -7.83 -16.94
N THR A 26 -14.86 -8.39 -17.41
CA THR A 26 -16.11 -7.67 -17.37
C THR A 26 -17.21 -8.58 -16.83
N ASN A 27 -18.00 -8.05 -15.90
CA ASN A 27 -19.20 -8.71 -15.42
C ASN A 27 -20.20 -8.77 -16.60
N ILE A 28 -20.55 -9.97 -17.03
CA ILE A 28 -21.39 -10.10 -18.23
C ILE A 28 -22.85 -9.82 -17.94
N ILE A 29 -23.22 -9.56 -16.69
CA ILE A 29 -24.57 -9.15 -16.34
C ILE A 29 -24.73 -7.63 -16.39
N ASN A 30 -23.75 -6.87 -15.85
CA ASN A 30 -23.83 -5.39 -15.86
C ASN A 30 -22.68 -4.67 -16.56
N GLY A 31 -21.69 -5.38 -17.05
CA GLY A 31 -20.67 -4.65 -17.71
C GLY A 31 -19.66 -4.02 -16.78
N VAL A 32 -19.81 -4.18 -15.47
CA VAL A 32 -18.86 -3.60 -14.47
C VAL A 32 -17.48 -4.21 -14.67
N PRO A 33 -16.41 -3.43 -14.69
CA PRO A 33 -15.08 -3.98 -14.98
C PRO A 33 -14.49 -4.56 -13.70
N VAL A 34 -13.77 -5.68 -13.82
CA VAL A 34 -13.21 -6.34 -12.65
C VAL A 34 -11.75 -6.73 -12.88
N ALA A 35 -11.05 -6.97 -11.79
CA ALA A 35 -9.75 -7.60 -11.82
C ALA A 35 -9.93 -9.02 -11.32
N ILE A 36 -9.25 -9.96 -11.96
CA ILE A 36 -9.37 -11.39 -11.64
C ILE A 36 -7.96 -11.93 -11.42
N LYS A 37 -7.68 -12.39 -10.21
CA LYS A 37 -6.37 -12.92 -9.87
C LYS A 37 -6.44 -14.44 -9.71
N PHE A 38 -5.48 -15.14 -10.33
CA PHE A 38 -5.45 -16.60 -10.35
C PHE A 38 -4.36 -17.11 -9.39
N GLU A 39 -4.65 -18.20 -8.71
CA GLU A 39 -3.64 -18.84 -7.86
C GLU A 39 -3.71 -20.34 -8.07
N PRO A 40 -2.61 -20.98 -8.46
CA PRO A 40 -2.63 -22.45 -8.56
C PRO A 40 -3.14 -23.08 -7.28
N ARG A 41 -4.15 -23.95 -7.42
CA ARG A 41 -4.81 -24.53 -6.25
C ARG A 41 -3.88 -25.48 -5.48
N LYS A 42 -3.10 -26.29 -6.18
CA LYS A 42 -2.07 -27.08 -5.51
C LYS A 42 -0.78 -26.28 -5.60
N THR A 43 -0.71 -25.24 -4.78
CA THR A 43 0.50 -24.43 -4.63
C THR A 43 0.95 -24.46 -3.18
N GLU A 44 2.26 -24.29 -2.98
CA GLU A 44 2.85 -24.45 -1.66
C GLU A 44 2.26 -23.47 -0.66
N ALA A 45 2.19 -22.19 -1.01
CA ALA A 45 1.70 -21.16 -0.11
C ALA A 45 0.31 -20.69 -0.57
N PRO A 46 -0.75 -20.92 0.21
CA PRO A 46 -2.07 -20.42 -0.19
C PRO A 46 -2.40 -19.09 0.47
N GLN A 47 -2.91 -18.14 -0.32
CA GLN A 47 -3.25 -16.82 0.19
C GLN A 47 -4.52 -16.23 -0.42
N LEU A 48 -4.90 -16.63 -1.63
CA LEU A 48 -6.03 -16.00 -2.30
C LEU A 48 -7.31 -16.10 -1.47
N ARG A 49 -7.55 -17.28 -0.88
CA ARG A 49 -8.74 -17.46 -0.06
C ARG A 49 -8.73 -16.51 1.14
N ASP A 50 -7.57 -16.37 1.78
CA ASP A 50 -7.44 -15.43 2.88
C ASP A 50 -7.67 -14.00 2.42
N GLU A 51 -7.19 -13.66 1.20
CA GLU A 51 -7.43 -12.32 0.70
C GLU A 51 -8.92 -12.07 0.54
N TYR A 52 -9.66 -13.05 0.00
CA TYR A 52 -11.10 -12.88 -0.14
C TYR A 52 -11.76 -12.62 1.20
N ARG A 53 -11.41 -13.41 2.21
CA ARG A 53 -11.99 -13.21 3.52
C ARG A 53 -11.67 -11.82 4.05
N THR A 54 -10.44 -11.35 3.85
CA THR A 54 -10.08 -9.99 4.27
C THR A 54 -10.89 -8.93 3.54
N TYR A 55 -11.05 -9.07 2.21
CA TYR A 55 -11.88 -8.11 1.47
C TYR A 55 -13.32 -8.10 1.99
N LYS A 56 -13.90 -9.28 2.25
CA LYS A 56 -15.28 -9.30 2.75
C LYS A 56 -15.35 -8.68 4.14
N HIS A 57 -14.34 -8.94 4.98
CA HIS A 57 -14.22 -8.30 6.29
C HIS A 57 -14.16 -6.78 6.16
N LEU A 58 -13.46 -6.28 5.13
CA LEU A 58 -13.32 -4.84 4.93
C LEU A 58 -14.39 -4.23 4.05
N GLN A 59 -15.40 -5.02 3.66
CA GLN A 59 -16.37 -4.51 2.70
C GLN A 59 -17.03 -3.25 3.22
N GLY A 60 -17.08 -2.24 2.37
CA GLY A 60 -17.69 -0.97 2.70
C GLY A 60 -16.71 0.14 3.05
N CYS A 61 -15.47 -0.20 3.37
CA CYS A 61 -14.46 0.82 3.64
C CYS A 61 -14.15 1.57 2.36
N ASP A 62 -14.13 2.91 2.43
CA ASP A 62 -13.70 3.72 1.29
C ASP A 62 -12.30 3.32 0.86
N GLY A 63 -12.10 3.21 -0.45
CA GLY A 63 -10.80 2.90 -1.00
C GLY A 63 -10.40 1.45 -0.93
N ILE A 64 -11.26 0.57 -0.44
CA ILE A 64 -10.98 -0.86 -0.47
C ILE A 64 -11.93 -1.47 -1.49
N PRO A 65 -11.46 -2.13 -2.53
CA PRO A 65 -12.38 -2.66 -3.54
C PRO A 65 -13.29 -3.73 -2.96
N ASN A 66 -14.49 -3.85 -3.55
CA ASN A 66 -15.37 -4.99 -3.29
C ASN A 66 -14.75 -6.26 -3.87
N ALA A 67 -14.94 -7.39 -3.19
CA ALA A 67 -14.72 -8.70 -3.76
C ALA A 67 -16.07 -9.28 -4.19
N TYR A 68 -16.17 -9.71 -5.44
CA TYR A 68 -17.43 -10.22 -5.96
C TYR A 68 -17.54 -11.72 -5.98
N TYR A 69 -16.41 -12.42 -6.05
CA TYR A 69 -16.46 -13.84 -6.28
C TYR A 69 -15.15 -14.47 -5.84
N PHE A 70 -15.23 -15.62 -5.19
CA PHE A 70 -14.07 -16.47 -5.03
C PHE A 70 -14.53 -17.90 -5.28
N GLY A 71 -13.73 -18.66 -5.99
CA GLY A 71 -14.07 -20.06 -6.19
C GLY A 71 -13.04 -20.78 -7.02
N GLN A 72 -13.23 -22.11 -7.12
CA GLN A 72 -12.33 -22.98 -7.85
C GLN A 72 -12.74 -23.03 -9.32
N GLU A 73 -11.78 -22.77 -10.20
CA GLU A 73 -11.97 -22.88 -11.65
C GLU A 73 -10.86 -23.73 -12.20
N GLY A 74 -11.14 -25.01 -12.45
CA GLY A 74 -10.11 -25.90 -12.96
C GLY A 74 -9.02 -26.14 -11.92
N LEU A 75 -7.77 -25.92 -12.35
CA LEU A 75 -6.63 -26.10 -11.47
C LEU A 75 -6.36 -24.89 -10.59
N HIS A 76 -7.16 -23.85 -10.71
CA HIS A 76 -6.90 -22.59 -10.03
C HIS A 76 -8.04 -22.21 -9.11
N ASN A 77 -7.72 -21.35 -8.14
CA ASN A 77 -8.69 -20.53 -7.46
C ASN A 77 -8.65 -19.13 -8.08
N ILE A 78 -9.81 -18.47 -8.17
CA ILE A 78 -9.81 -17.09 -8.65
C ILE A 78 -10.48 -16.20 -7.62
N LEU A 79 -10.10 -14.93 -7.66
CA LEU A 79 -10.65 -13.89 -6.83
C LEU A 79 -10.95 -12.71 -7.74
N VAL A 80 -12.21 -12.30 -7.77
CA VAL A 80 -12.66 -11.21 -8.63
C VAL A 80 -13.01 -10.03 -7.75
N ILE A 81 -12.38 -8.87 -8.00
CA ILE A 81 -12.63 -7.65 -7.23
C ILE A 81 -12.73 -6.48 -8.23
N ASP A 82 -13.11 -5.32 -7.72
CA ASP A 82 -13.19 -4.13 -8.59
C ASP A 82 -11.87 -3.88 -9.30
N LEU A 83 -11.95 -3.44 -10.57
CA LEU A 83 -10.76 -3.09 -11.35
C LEU A 83 -10.28 -1.68 -11.04
N LEU A 84 -8.97 -1.52 -10.91
CA LEU A 84 -8.46 -0.23 -10.45
C LEU A 84 -7.45 0.29 -11.45
N GLY A 85 -6.85 1.44 -11.15
CA GLY A 85 -5.92 2.05 -12.08
C GLY A 85 -4.48 1.82 -11.69
N PRO A 86 -3.59 2.69 -12.19
CA PRO A 86 -2.15 2.53 -11.90
C PRO A 86 -1.85 2.65 -10.42
N SER A 87 -0.68 2.15 -10.05
CA SER A 87 -0.24 2.27 -8.67
C SER A 87 0.48 3.60 -8.46
N LEU A 88 0.63 3.97 -7.18
CA LEU A 88 1.42 5.16 -6.85
C LEU A 88 2.87 5.03 -7.31
N GLU A 89 3.43 3.82 -7.37
CA GLU A 89 4.78 3.68 -7.91
C GLU A 89 4.79 3.99 -9.40
N ASP A 90 3.80 3.49 -10.12
CA ASP A 90 3.70 3.80 -11.54
C ASP A 90 3.64 5.30 -11.76
N LEU A 91 2.76 5.95 -11.02
CA LEU A 91 2.51 7.38 -11.25
C LEU A 91 3.72 8.19 -10.84
N PHE A 92 4.38 7.78 -9.77
CA PHE A 92 5.62 8.42 -9.32
C PHE A 92 6.70 8.34 -10.39
N ASP A 93 6.88 7.14 -10.97
CA ASP A 93 7.78 7.00 -12.11
C ASP A 93 7.44 7.96 -13.23
N TRP A 94 6.16 7.96 -13.67
CA TRP A 94 5.74 8.78 -14.80
C TRP A 94 5.88 10.27 -14.52
N CYS A 95 5.83 10.67 -13.27
CA CYS A 95 6.06 12.05 -12.88
C CYS A 95 7.53 12.36 -12.64
N GLY A 96 8.46 11.51 -13.08
CA GLY A 96 9.87 11.83 -12.93
C GLY A 96 10.46 11.44 -11.61
N ARG A 97 9.80 10.56 -10.86
CA ARG A 97 10.28 10.02 -9.57
C ARG A 97 10.50 11.13 -8.54
N ARG A 98 9.52 12.02 -8.49
CA ARG A 98 9.39 12.99 -7.42
C ARG A 98 7.93 13.45 -7.41
N PHE A 99 7.35 13.57 -6.22
CA PHE A 99 6.03 14.17 -6.08
C PHE A 99 6.20 15.49 -5.34
N SER A 100 5.36 16.47 -5.70
CA SER A 100 5.32 17.75 -4.99
C SER A 100 4.90 17.53 -3.55
N VAL A 101 5.23 18.50 -2.70
CA VAL A 101 4.83 18.44 -1.29
C VAL A 101 3.33 18.26 -1.18
N LYS A 102 2.59 19.05 -1.97
CA LYS A 102 1.14 19.01 -1.96
C LYS A 102 0.62 17.62 -2.31
N THR A 103 1.12 17.00 -3.39
CA THR A 103 0.66 15.65 -3.71
C THR A 103 1.02 14.68 -2.60
N VAL A 104 2.23 14.78 -2.05
CA VAL A 104 2.57 13.87 -0.96
C VAL A 104 1.67 14.04 0.25
N VAL A 105 1.40 15.28 0.66
CA VAL A 105 0.50 15.43 1.81
C VAL A 105 -0.85 14.80 1.51
N GLN A 106 -1.36 15.06 0.33
CA GLN A 106 -2.72 14.61 0.00
C GLN A 106 -2.78 13.09 -0.10
N VAL A 107 -1.76 12.45 -0.69
CA VAL A 107 -1.83 10.99 -0.73
C VAL A 107 -1.56 10.44 0.67
N ALA A 108 -0.68 11.09 1.42
CA ALA A 108 -0.35 10.62 2.77
C ALA A 108 -1.58 10.51 3.64
N ILE A 109 -2.43 11.55 3.66
CA ILE A 109 -3.56 11.46 4.58
C ILE A 109 -4.56 10.39 4.10
N GLN A 110 -4.71 10.19 2.78
CA GLN A 110 -5.53 9.07 2.32
C GLN A 110 -4.92 7.74 2.73
N MET A 111 -3.59 7.62 2.63
CA MET A 111 -2.95 6.35 3.01
C MET A 111 -3.10 6.13 4.51
N LEU A 112 -2.99 7.19 5.31
CA LEU A 112 -3.20 7.04 6.75
C LEU A 112 -4.61 6.56 7.03
N THR A 113 -5.60 7.10 6.30
CA THR A 113 -7.00 6.75 6.54
C THR A 113 -7.25 5.28 6.14
N LEU A 114 -6.64 4.86 5.03
CA LEU A 114 -6.77 3.47 4.59
C LEU A 114 -6.19 2.52 5.60
N VAL A 115 -4.97 2.80 6.05
CA VAL A 115 -4.35 1.93 7.04
C VAL A 115 -5.13 1.96 8.36
N GLU A 116 -5.61 3.14 8.77
CA GLU A 116 -6.46 3.22 9.95
C GLU A 116 -7.63 2.25 9.84
N GLU A 117 -8.30 2.24 8.68
CA GLU A 117 -9.46 1.38 8.54
C GLU A 117 -9.08 -0.09 8.62
N VAL A 118 -7.95 -0.47 8.02
CA VAL A 118 -7.46 -1.84 8.15
C VAL A 118 -7.28 -2.18 9.63
N HIS A 119 -6.57 -1.30 10.34
CA HIS A 119 -6.33 -1.47 11.77
C HIS A 119 -7.64 -1.56 12.56
N ARG A 120 -8.62 -0.75 12.21
CA ARG A 120 -9.93 -0.76 12.92
C ARG A 120 -10.62 -2.11 12.77
N HIS A 121 -10.31 -2.86 11.71
CA HIS A 121 -10.87 -4.19 11.51
C HIS A 121 -9.93 -5.28 12.03
N ASP A 122 -9.04 -4.94 12.96
CA ASP A 122 -8.24 -5.88 13.77
C ASP A 122 -7.06 -6.46 12.99
N LEU A 123 -6.68 -5.89 11.86
CA LEU A 123 -5.61 -6.41 11.02
C LEU A 123 -4.46 -5.43 10.94
N ILE A 124 -3.25 -5.96 10.81
CA ILE A 124 -2.14 -5.16 10.33
C ILE A 124 -1.84 -5.61 8.92
N TYR A 125 -1.27 -4.69 8.16
CA TYR A 125 -1.14 -4.86 6.72
C TYR A 125 0.17 -5.53 6.33
N ARG A 126 1.29 -5.06 6.90
CA ARG A 126 2.63 -5.69 6.88
C ARG A 126 3.32 -5.70 5.51
N ASP A 127 2.76 -5.09 4.47
CA ASP A 127 3.38 -5.08 3.15
C ASP A 127 3.33 -3.67 2.54
N ILE A 128 3.44 -2.62 3.36
CA ILE A 128 3.30 -1.25 2.85
C ILE A 128 4.34 -0.98 1.76
N LYS A 129 3.88 -0.50 0.59
CA LYS A 129 4.80 -0.09 -0.46
C LYS A 129 3.96 0.70 -1.46
N PRO A 130 4.56 1.62 -2.21
CA PRO A 130 3.75 2.42 -3.16
C PRO A 130 3.07 1.53 -4.19
N ASP A 131 3.62 0.37 -4.47
CA ASP A 131 3.07 -0.48 -5.53
C ASP A 131 1.71 -1.07 -5.19
N ASN A 132 1.33 -1.08 -3.91
CA ASN A 132 0.07 -1.67 -3.52
C ASN A 132 -1.01 -0.63 -3.31
N PHE A 133 -0.72 0.66 -3.56
CA PHE A 133 -1.75 1.69 -3.46
C PHE A 133 -2.06 2.12 -4.87
N LEU A 134 -3.33 1.95 -5.31
CA LEU A 134 -3.71 2.16 -6.71
C LEU A 134 -4.74 3.28 -6.78
N ILE A 135 -4.70 4.07 -7.86
CA ILE A 135 -5.76 5.08 -8.03
C ILE A 135 -6.94 4.37 -8.70
N GLY A 136 -8.00 5.13 -9.01
CA GLY A 136 -9.16 4.61 -9.75
C GLY A 136 -9.00 4.64 -11.26
N ARG A 137 -10.13 4.39 -11.96
CA ARG A 137 -10.14 4.31 -13.41
C ARG A 137 -10.49 5.66 -14.00
N ARG A 138 -10.16 5.86 -15.27
CA ARG A 138 -10.38 7.16 -15.92
C ARG A 138 -11.86 7.43 -16.00
N GLY A 139 -12.28 8.58 -15.52
CA GLY A 139 -13.69 8.95 -15.62
C GLY A 139 -14.55 8.52 -14.45
N ALA A 140 -14.02 7.74 -13.52
CA ALA A 140 -14.80 7.26 -12.38
C ALA A 140 -14.79 8.29 -11.24
N THR A 141 -15.78 8.18 -10.36
CA THR A 141 -15.85 9.13 -9.25
C THR A 141 -14.61 9.07 -8.38
N ASP A 142 -13.99 7.90 -8.29
CA ASP A 142 -12.81 7.69 -7.46
C ASP A 142 -11.52 7.67 -8.29
N GLU A 143 -11.53 8.33 -9.45
CA GLU A 143 -10.41 8.24 -10.40
C GLU A 143 -9.09 8.54 -9.73
N ASN A 144 -9.02 9.61 -8.97
CA ASN A 144 -7.73 10.02 -8.44
C ASN A 144 -7.60 9.80 -6.95
N ASN A 145 -8.50 9.03 -6.35
CA ASN A 145 -8.37 8.63 -4.94
C ASN A 145 -7.47 7.41 -4.80
N VAL A 146 -6.90 7.28 -3.59
CA VAL A 146 -5.98 6.19 -3.29
C VAL A 146 -6.76 4.99 -2.78
N HIS A 147 -6.42 3.82 -3.29
CA HIS A 147 -7.03 2.57 -2.87
C HIS A 147 -5.94 1.64 -2.39
N LEU A 148 -6.32 0.59 -1.63
CA LEU A 148 -5.36 -0.39 -1.15
C LEU A 148 -5.75 -1.80 -1.60
N ILE A 149 -4.83 -2.52 -2.25
CA ILE A 149 -4.99 -3.92 -2.58
C ILE A 149 -3.86 -4.77 -2.00
N ASP A 150 -3.89 -6.08 -2.32
CA ASP A 150 -2.94 -7.10 -1.91
C ASP A 150 -2.84 -7.25 -0.40
N PHE A 151 -3.73 -8.07 0.14
CA PHE A 151 -3.80 -8.33 1.55
C PHE A 151 -3.17 -9.66 1.90
N GLY A 152 -2.28 -10.16 1.05
CA GLY A 152 -1.69 -11.47 1.30
C GLY A 152 -0.83 -11.54 2.56
N MET A 153 -0.26 -10.41 3.00
CA MET A 153 0.56 -10.43 4.21
C MET A 153 -0.18 -9.95 5.45
N ALA A 154 -1.47 -9.65 5.35
CA ALA A 154 -2.22 -9.12 6.48
C ALA A 154 -2.43 -10.18 7.55
N LYS A 155 -2.56 -9.73 8.80
CA LYS A 155 -2.60 -10.62 9.95
C LYS A 155 -3.39 -9.93 11.03
N GLN A 156 -4.19 -10.70 11.75
CA GLN A 156 -4.88 -10.18 12.93
C GLN A 156 -3.85 -9.79 14.00
N TYR A 157 -3.94 -8.56 14.51
CA TYR A 157 -3.05 -8.12 15.58
C TYR A 157 -3.76 -8.05 16.94
N ARG A 158 -5.09 -8.18 16.98
CA ARG A 158 -5.81 -8.23 18.24
C ARG A 158 -7.02 -9.13 18.10
N ASP A 159 -7.49 -9.63 19.23
CA ASP A 159 -8.72 -10.42 19.23
C ASP A 159 -9.90 -9.52 18.88
N PRO A 160 -10.77 -9.91 17.95
CA PRO A 160 -11.84 -8.99 17.50
C PRO A 160 -12.85 -8.65 18.57
N ARG A 161 -13.13 -9.55 19.50
CA ARG A 161 -14.14 -9.23 20.50
C ARG A 161 -13.55 -8.61 21.76
N THR A 162 -12.47 -9.18 22.30
CA THR A 162 -11.86 -8.63 23.51
C THR A 162 -10.88 -7.51 23.23
N LYS A 163 -10.40 -7.39 21.98
CA LYS A 163 -9.38 -6.43 21.56
C LYS A 163 -8.05 -6.66 22.26
N GLN A 164 -7.84 -7.85 22.82
CA GLN A 164 -6.55 -8.16 23.42
C GLN A 164 -5.49 -8.22 22.33
N HIS A 165 -4.42 -7.43 22.51
CA HIS A 165 -3.36 -7.35 21.52
C HIS A 165 -2.52 -8.62 21.50
N ILE A 166 -1.98 -8.96 20.33
CA ILE A 166 -1.10 -10.12 20.24
C ILE A 166 0.14 -9.84 21.06
N PRO A 167 0.82 -10.86 21.57
CA PRO A 167 2.04 -10.62 22.35
C PRO A 167 3.22 -10.20 21.49
N TYR A 168 4.11 -9.43 22.10
CA TYR A 168 5.40 -9.18 21.48
C TYR A 168 6.19 -10.48 21.39
N ARG A 169 6.83 -10.71 20.26
CA ARG A 169 7.79 -11.80 20.15
C ARG A 169 8.90 -11.35 19.23
N GLU A 170 9.95 -12.17 19.18
CA GLU A 170 11.05 -11.84 18.27
C GLU A 170 11.36 -13.03 17.37
N LYS A 171 12.51 -13.00 16.70
CA LYS A 171 12.95 -14.07 15.79
C LYS A 171 11.91 -14.40 14.73
N LYS A 172 11.24 -13.37 14.21
CA LYS A 172 10.36 -13.55 13.07
C LYS A 172 11.14 -13.38 11.77
N SER A 173 10.60 -13.95 10.71
CA SER A 173 11.21 -13.88 9.39
C SER A 173 11.12 -12.46 8.83
N LEU A 174 12.08 -12.13 7.96
CA LEU A 174 12.14 -10.80 7.34
C LEU A 174 11.27 -10.72 6.10
N SER A 175 10.01 -11.13 6.24
CA SER A 175 9.05 -10.98 5.15
C SER A 175 8.63 -9.52 5.06
N GLY A 176 8.67 -8.97 3.83
CA GLY A 176 8.27 -7.60 3.50
C GLY A 176 9.16 -7.02 2.42
N THR A 177 9.04 -5.73 2.17
CA THR A 177 9.89 -5.05 1.19
C THR A 177 10.95 -4.24 1.92
N ALA A 178 12.23 -4.51 1.64
CA ALA A 178 13.31 -3.92 2.46
C ALA A 178 13.36 -2.39 2.36
N ARG A 179 13.01 -1.81 1.21
CA ARG A 179 13.15 -0.36 1.09
C ARG A 179 12.28 0.39 2.09
N TYR A 180 11.11 -0.16 2.42
CA TYR A 180 10.11 0.56 3.20
C TYR A 180 9.87 0.01 4.59
N MET A 181 10.30 -1.22 4.88
CA MET A 181 9.85 -1.81 6.13
C MET A 181 10.43 -1.09 7.36
N SER A 182 9.75 -1.27 8.49
CA SER A 182 10.19 -0.61 9.70
C SER A 182 11.47 -1.21 10.23
N ILE A 183 12.14 -0.43 11.08
CA ILE A 183 13.31 -0.92 11.77
C ILE A 183 12.98 -2.17 12.55
N ASN A 184 11.81 -2.21 13.24
CA ASN A 184 11.49 -3.39 14.05
C ASN A 184 11.42 -4.62 13.16
N THR A 185 10.93 -4.44 11.93
CA THR A 185 10.81 -5.58 11.03
C THR A 185 12.20 -6.11 10.68
N HIS A 186 13.16 -5.20 10.45
CA HIS A 186 14.53 -5.63 10.18
C HIS A 186 15.08 -6.47 11.31
N LEU A 187 14.70 -6.15 12.53
CA LEU A 187 15.24 -6.81 13.71
C LEU A 187 14.52 -8.10 14.07
N GLY A 188 13.60 -8.55 13.23
CA GLY A 188 12.88 -9.77 13.49
C GLY A 188 11.82 -9.67 14.56
N ARG A 189 11.35 -8.47 14.85
CA ARG A 189 10.37 -8.29 15.91
C ARG A 189 8.96 -8.42 15.34
N GLU A 190 8.05 -8.95 16.15
CA GLU A 190 6.65 -8.99 15.77
C GLU A 190 6.16 -7.60 15.36
N GLN A 191 5.44 -7.52 14.23
CA GLN A 191 4.94 -6.24 13.75
C GLN A 191 3.61 -5.89 14.41
N SER A 192 3.35 -4.59 14.52
CA SER A 192 2.11 -4.11 15.11
C SER A 192 1.70 -2.90 14.30
N ARG A 193 0.75 -2.13 14.83
CA ARG A 193 0.20 -1.01 14.04
C ARG A 193 1.27 0.03 13.74
N ARG A 194 2.19 0.24 14.69
CA ARG A 194 3.23 1.24 14.49
C ARG A 194 4.07 0.93 13.26
N ASP A 195 4.28 -0.36 12.94
CA ASP A 195 5.18 -0.72 11.83
C ASP A 195 4.59 -0.40 10.46
N ASP A 196 3.26 -0.56 10.32
CA ASP A 196 2.60 -0.08 9.12
C ASP A 196 2.80 1.44 8.96
N LEU A 197 2.63 2.20 10.05
CA LEU A 197 2.77 3.65 9.93
C LEU A 197 4.20 4.08 9.71
N GLU A 198 5.17 3.37 10.29
CA GLU A 198 6.57 3.68 9.99
C GLU A 198 6.89 3.42 8.52
N ALA A 199 6.41 2.30 7.97
CA ALA A 199 6.62 2.06 6.55
C ALA A 199 6.00 3.18 5.72
N LEU A 200 4.84 3.67 6.12
CA LEU A 200 4.27 4.84 5.41
C LEU A 200 5.21 6.03 5.47
N GLY A 201 5.81 6.29 6.65
CA GLY A 201 6.74 7.41 6.76
C GLY A 201 7.91 7.30 5.80
N HIS A 202 8.44 6.08 5.63
CA HIS A 202 9.48 5.82 4.65
C HIS A 202 8.98 6.10 3.25
N VAL A 203 7.76 5.67 2.96
CA VAL A 203 7.21 5.93 1.63
C VAL A 203 7.06 7.42 1.38
N PHE A 204 6.60 8.18 2.39
CA PHE A 204 6.45 9.62 2.19
C PHE A 204 7.79 10.24 1.84
N PHE A 205 8.84 9.88 2.57
CA PHE A 205 10.15 10.44 2.25
C PHE A 205 10.63 10.01 0.88
N TYR A 206 10.37 8.76 0.50
CA TYR A 206 10.71 8.31 -0.84
C TYR A 206 10.07 9.17 -1.90
N PHE A 207 8.77 9.45 -1.74
CA PHE A 207 8.07 10.28 -2.75
C PHE A 207 8.64 11.68 -2.79
N LEU A 208 8.98 12.23 -1.61
CA LEU A 208 9.42 13.62 -1.53
C LEU A 208 10.83 13.80 -2.05
N ARG A 209 11.71 12.85 -1.77
CA ARG A 209 13.11 12.96 -2.11
C ARG A 209 13.41 12.41 -3.49
N GLY A 210 12.62 11.44 -3.95
CA GLY A 210 12.97 10.70 -5.13
C GLY A 210 13.72 9.42 -4.86
N GLN A 211 14.23 9.26 -3.65
CA GLN A 211 14.95 8.04 -3.26
C GLN A 211 15.12 8.06 -1.75
N LEU A 212 15.46 6.91 -1.19
CA LEU A 212 15.91 6.85 0.20
C LEU A 212 17.40 6.52 0.26
N PRO A 213 18.10 6.98 1.29
CA PRO A 213 19.57 6.81 1.36
C PRO A 213 20.03 5.37 1.58
N TRP A 214 19.10 4.44 1.84
CA TRP A 214 19.42 3.02 1.91
C TRP A 214 19.08 2.25 0.62
N GLN A 215 18.75 2.96 -0.46
CA GLN A 215 18.72 2.35 -1.79
C GLN A 215 20.12 2.21 -2.34
N GLY A 216 20.30 1.20 -3.18
CA GLY A 216 21.56 0.95 -3.86
C GLY A 216 22.64 0.37 -2.98
N LEU A 217 22.32 -0.15 -1.79
CA LEU A 217 23.32 -0.83 -1.00
C LEU A 217 23.60 -2.20 -1.59
N LYS A 218 24.82 -2.68 -1.41
CA LYS A 218 25.28 -3.95 -1.94
C LYS A 218 25.71 -4.88 -0.81
N ALA A 219 25.46 -6.17 -1.00
CA ALA A 219 25.98 -7.19 -0.12
C ALA A 219 25.89 -8.52 -0.85
N PRO A 220 26.67 -9.52 -0.44
CA PRO A 220 26.66 -10.79 -1.19
C PRO A 220 25.37 -11.59 -1.05
N THR A 221 24.57 -11.36 -0.01
CA THR A 221 23.36 -12.14 0.23
C THR A 221 22.21 -11.22 0.56
N ASN A 222 20.99 -11.68 0.28
CA ASN A 222 19.83 -10.87 0.59
C ASN A 222 19.75 -10.56 2.09
N LYS A 223 20.06 -11.55 2.91
CA LYS A 223 20.05 -11.34 4.36
C LYS A 223 21.00 -10.23 4.76
N GLN A 224 22.24 -10.26 4.26
CA GLN A 224 23.18 -9.21 4.62
C GLN A 224 22.76 -7.87 4.06
N LYS A 225 22.12 -7.87 2.88
CA LYS A 225 21.67 -6.61 2.32
C LYS A 225 20.53 -6.00 3.15
N TYR A 226 19.58 -6.83 3.57
CA TYR A 226 18.54 -6.34 4.47
C TYR A 226 19.16 -5.76 5.74
N GLU A 227 20.24 -6.38 6.21
CA GLU A 227 20.86 -5.90 7.44
C GLU A 227 21.52 -4.54 7.22
N LYS A 228 22.24 -4.37 6.11
CA LYS A 228 22.83 -3.05 5.84
C LYS A 228 21.75 -2.00 5.71
N ILE A 229 20.61 -2.36 5.12
CA ILE A 229 19.52 -1.40 4.98
C ILE A 229 18.98 -1.02 6.34
N GLY A 230 18.72 -2.02 7.18
CA GLY A 230 18.28 -1.76 8.55
C GLY A 230 19.29 -0.90 9.30
N ASP A 231 20.58 -1.19 9.11
CA ASP A 231 21.64 -0.40 9.73
C ASP A 231 21.57 1.06 9.32
N LYS A 232 21.39 1.31 8.03
CA LYS A 232 21.28 2.69 7.57
C LYS A 232 20.05 3.37 8.16
N LYS A 233 18.90 2.70 8.18
CA LYS A 233 17.73 3.31 8.79
C LYS A 233 17.98 3.69 10.25
N ARG A 234 18.67 2.84 10.98
CA ARG A 234 18.91 3.11 12.40
C ARG A 234 19.87 4.27 12.61
N THR A 235 20.71 4.59 11.62
CA THR A 235 21.72 5.62 11.83
C THR A 235 21.44 6.90 11.06
N THR A 236 20.29 7.01 10.41
CA THR A 236 19.96 8.19 9.60
C THR A 236 18.87 8.99 10.30
N PRO A 237 19.18 10.11 10.93
CA PRO A 237 18.16 10.84 11.69
C PRO A 237 17.07 11.33 10.77
N ALA A 238 15.84 11.34 11.30
CA ALA A 238 14.73 11.78 10.48
C ALA A 238 14.91 13.21 9.99
N VAL A 239 15.58 14.08 10.77
CA VAL A 239 15.78 15.43 10.27
C VAL A 239 16.78 15.44 9.10
N THR A 240 17.65 14.43 9.02
CA THR A 240 18.54 14.28 7.86
C THR A 240 17.78 13.81 6.63
N LEU A 241 16.89 12.82 6.80
CA LEU A 241 16.00 12.46 5.71
C LEU A 241 15.20 13.67 5.21
N CYS A 242 14.85 14.55 6.12
CA CYS A 242 13.95 15.67 5.87
C CYS A 242 14.68 16.93 5.46
N ASP A 243 15.96 16.84 5.10
CA ASP A 243 16.70 18.06 4.74
C ASP A 243 16.02 18.79 3.59
N GLY A 244 15.76 20.07 3.80
CA GLY A 244 15.08 20.84 2.78
C GLY A 244 13.62 20.49 2.59
N LEU A 245 13.03 19.70 3.50
CA LEU A 245 11.62 19.34 3.33
C LEU A 245 10.82 19.81 4.54
N PRO A 246 9.48 19.85 4.49
CA PRO A 246 8.74 20.30 5.69
C PRO A 246 9.02 19.36 6.87
N GLN A 247 9.35 19.95 8.01
CA GLN A 247 9.80 19.12 9.14
C GLN A 247 8.68 18.28 9.73
N GLN A 248 7.41 18.60 9.42
CA GLN A 248 6.33 17.71 9.82
C GLN A 248 6.58 16.27 9.41
N PHE A 249 7.26 16.05 8.28
CA PHE A 249 7.47 14.66 7.89
C PHE A 249 8.51 13.97 8.78
N ALA A 250 9.51 14.72 9.26
CA ALA A 250 10.43 14.15 10.26
C ALA A 250 9.69 13.90 11.58
N GLU A 251 8.89 14.87 12.02
CA GLU A 251 8.16 14.68 13.27
C GLU A 251 7.29 13.44 13.20
N TYR A 252 6.67 13.23 12.03
CA TYR A 252 5.81 12.06 11.84
C TYR A 252 6.61 10.76 12.00
N LEU A 253 7.71 10.62 11.25
CA LEU A 253 8.50 9.40 11.32
C LEU A 253 9.02 9.13 12.74
N ASP A 254 9.56 10.17 13.40
CA ASP A 254 10.04 10.00 14.77
C ASP A 254 8.91 9.58 15.70
N SER A 255 7.73 10.18 15.52
CA SER A 255 6.64 9.83 16.42
C SER A 255 6.26 8.36 16.25
N VAL A 256 6.10 7.90 15.00
CA VAL A 256 5.61 6.52 14.83
C VAL A 256 6.68 5.52 15.18
N ARG A 257 7.96 5.90 15.05
CA ARG A 257 9.01 5.01 15.52
C ARG A 257 9.04 4.89 17.04
N SER A 258 8.48 5.85 17.75
CA SER A 258 8.45 5.90 19.19
C SER A 258 7.24 5.19 19.80
N LEU A 259 6.27 4.78 18.98
CA LEU A 259 5.04 4.23 19.52
C LEU A 259 5.34 2.94 20.28
N PRO A 260 4.72 2.72 21.44
CA PRO A 260 4.84 1.40 22.08
C PRO A 260 4.23 0.32 21.20
N PHE A 261 4.70 -0.91 21.43
CA PHE A 261 4.32 -2.04 20.59
C PHE A 261 2.79 -2.19 20.45
N ASP A 262 2.06 -2.12 21.57
CA ASP A 262 0.63 -2.33 21.51
C ASP A 262 -0.18 -1.03 21.44
N ALA A 263 0.46 0.12 21.19
CA ALA A 263 -0.26 1.37 21.41
C ALA A 263 -1.13 1.70 20.21
N GLU A 264 -2.28 2.30 20.48
CA GLU A 264 -3.13 2.79 19.39
C GLU A 264 -2.58 4.08 18.83
N PRO A 265 -2.27 4.17 17.54
CA PRO A 265 -1.66 5.38 17.01
C PRO A 265 -2.68 6.51 16.97
N PRO A 266 -2.23 7.76 17.15
CA PRO A 266 -3.15 8.91 17.01
C PRO A 266 -3.32 9.31 15.55
N TYR A 267 -4.07 8.50 14.80
CA TYR A 267 -4.16 8.69 13.35
C TYR A 267 -4.57 10.10 12.98
N GLU A 268 -5.60 10.64 13.64
CA GLU A 268 -6.07 11.95 13.18
C GLU A 268 -5.03 13.04 13.47
N GLU A 269 -4.30 12.90 14.58
CA GLU A 269 -3.22 13.83 14.90
C GLU A 269 -2.17 13.86 13.80
N TYR A 270 -1.79 12.67 13.34
CA TYR A 270 -0.84 12.56 12.22
C TYR A 270 -1.39 13.24 10.97
N ARG A 271 -2.68 13.01 10.67
CA ARG A 271 -3.24 13.68 9.48
C ARG A 271 -3.24 15.20 9.65
N MET A 272 -3.54 15.69 10.85
CA MET A 272 -3.54 17.14 11.06
C MET A 272 -2.12 17.68 10.99
N LEU A 273 -1.15 16.91 11.49
CA LEU A 273 0.25 17.28 11.39
C LEU A 273 0.68 17.43 9.94
N LEU A 274 0.37 16.45 9.09
CA LEU A 274 0.78 16.62 7.70
C LEU A 274 -0.04 17.71 7.00
N LEU A 275 -1.32 17.84 7.34
CA LEU A 275 -2.12 18.93 6.77
C LEU A 275 -1.54 20.30 7.10
N SER A 276 -0.94 20.45 8.30
CA SER A 276 -0.38 21.76 8.64
C SER A 276 0.75 22.14 7.69
N VAL A 277 1.32 21.17 6.96
CA VAL A 277 2.32 21.48 5.95
C VAL A 277 1.72 22.39 4.89
N LEU A 278 0.52 22.06 4.42
CA LEU A 278 -0.13 22.88 3.41
C LEU A 278 -0.44 24.27 3.93
N ASP A 279 -0.90 24.36 5.19
CA ASP A 279 -1.09 25.68 5.81
C ASP A 279 0.20 26.50 5.80
N ASP A 280 1.28 25.93 6.35
CA ASP A 280 2.59 26.60 6.29
C ASP A 280 2.91 27.12 4.89
N LEU A 281 2.65 26.31 3.86
CA LEU A 281 3.06 26.59 2.51
C LEU A 281 2.01 27.36 1.71
N GLY A 282 0.91 27.76 2.36
CA GLY A 282 -0.13 28.50 1.68
C GLY A 282 -0.81 27.73 0.56
N GLN A 283 -1.00 26.44 0.73
CA GLN A 283 -1.60 25.54 -0.25
C GLN A 283 -2.94 25.02 0.26
N ALA A 284 -3.77 24.55 -0.66
CA ALA A 284 -5.07 24.00 -0.31
C ALA A 284 -5.07 22.49 -0.54
N CYS A 285 -5.90 21.79 0.23
CA CYS A 285 -6.06 20.35 0.05
C CYS A 285 -7.24 20.13 -0.90
N ASP A 286 -7.01 20.33 -2.21
CA ASP A 286 -8.08 20.46 -3.18
C ASP A 286 -8.16 19.29 -4.16
N GLY A 287 -7.40 18.20 -3.94
CA GLY A 287 -7.47 17.04 -4.80
C GLY A 287 -6.55 17.11 -6.02
N ASP A 288 -5.93 18.24 -6.29
CA ASP A 288 -5.09 18.36 -7.48
C ASP A 288 -3.81 17.58 -7.25
N MET A 289 -3.54 16.58 -8.09
CA MET A 289 -2.42 15.65 -7.89
C MET A 289 -1.48 15.75 -9.08
N ASP A 290 -0.18 15.59 -8.82
CA ASP A 290 0.80 15.79 -9.89
C ASP A 290 0.44 15.03 -11.17
N TRP A 291 0.00 13.78 -11.02
CA TRP A 291 -0.18 12.94 -12.20
C TRP A 291 -1.35 13.41 -13.02
N MET A 292 -2.18 14.27 -12.45
CA MET A 292 -3.27 14.78 -13.27
C MET A 292 -2.79 15.74 -14.34
N HIS A 293 -1.55 16.21 -14.27
CA HIS A 293 -1.02 17.14 -15.25
C HIS A 293 -0.21 16.46 -16.33
N LEU A 294 -0.09 15.14 -16.28
CA LEU A 294 0.63 14.42 -17.33
C LEU A 294 0.01 14.64 -18.69
N ASN A 295 0.86 14.60 -19.73
CA ASN A 295 0.40 14.53 -21.10
C ASN A 295 -0.54 15.68 -21.41
N GLY A 296 -0.09 16.90 -21.07
CA GLY A 296 -0.82 18.07 -21.48
C GLY A 296 -2.07 18.34 -20.69
N GLY A 297 -2.25 17.63 -19.56
CA GLY A 297 -3.44 17.68 -18.73
C GLY A 297 -4.39 16.53 -18.97
N ARG A 298 -4.12 15.68 -19.95
CA ARG A 298 -4.93 14.49 -20.22
C ARG A 298 -4.83 13.46 -19.10
N GLY A 299 -3.71 13.44 -18.37
CA GLY A 299 -3.41 12.39 -17.38
C GLY A 299 -2.56 11.29 -18.00
N TRP A 300 -2.29 10.23 -17.23
CA TRP A 300 -1.36 9.21 -17.71
C TRP A 300 -1.93 8.50 -18.93
N ASP A 301 -1.05 7.99 -19.78
CA ASP A 301 -1.51 7.38 -21.02
C ASP A 301 -0.76 6.07 -21.27
N ALA A 302 -1.50 5.05 -21.71
CA ALA A 302 -0.93 3.74 -21.97
C ALA A 302 0.23 3.79 -22.98
N THR A 303 0.21 4.74 -23.92
CA THR A 303 1.25 4.79 -24.95
C THR A 303 2.51 5.48 -24.47
N ILE A 304 2.38 6.69 -23.90
CA ILE A 304 3.57 7.46 -23.52
C ILE A 304 4.16 6.92 -22.22
N ASN A 305 3.31 6.46 -21.32
CA ASN A 305 3.72 6.11 -19.96
C ASN A 305 3.79 4.59 -19.77
N LYS A 306 2.63 3.95 -19.71
CA LYS A 306 2.56 2.54 -19.33
C LYS A 306 3.17 1.62 -20.39
#